data_3RWF
#
_entry.id   3RWF
#
_cell.length_a   95.689
_cell.length_b   95.689
_cell.length_c   129.029
_cell.angle_alpha   90.00
_cell.angle_beta   90.00
_cell.angle_gamma   120.00
#
_symmetry.space_group_name_H-M   'H 3'
#
loop_
_entity.id
_entity.type
_entity.pdbx_description
1 polymer 'Major histocompatibility complex class I'
2 polymer Beta-2-microglobulin
3 polymer 'Nef QW9 peptide from Protein Nef'
4 water water
#
loop_
_entity_poly.entity_id
_entity_poly.type
_entity_poly.pdbx_seq_one_letter_code
_entity_poly.pdbx_strand_id
1 'polypeptide(L)'
;GSHSMKYFYTSVSRPGRGEPRFISVGYVDDTQFVRFDSDAESPREEPRAPWVEQEGPEYWEEATRRAKEAAQTHRENLRT
ALRYYNQSEAGSHTIQKMYGCDLGPDGRLLRGYHQSAYDGKDYIALNGDLRSWTAADMAAQNTQRKWEGNRYAERFRAYL
EGECLEWLRRYLENGKETLQRADPPKTHVTHHPVSDHEATLRCWALGFYPAEITLTWQRDGEEQTQDTEFVETRPGGDGT
FQKWGAVVVPSGEEQRYTCHVQHEGLPEPLTLRWEP
;
A
2 'polypeptide(L)'
;MIQRTPKIQVYSRHPPENGKPNFLNCYVSGFHPSDIEVDLLKNGEKMGKVEHSDLSFSKDWSFYLLYYTEFTPNEKDEYA
CRVNHVTLSGPRTVKWDRDM
;
B
3 'polypeptide(L)' QTSQWDDPW C
#
# COMPACT_ATOMS: atom_id res chain seq x y z
N GLY A 1 -11.96 -7.62 -11.94
CA GLY A 1 -12.23 -7.65 -13.37
C GLY A 1 -10.95 -7.47 -14.17
N SER A 2 -10.56 -6.22 -14.39
CA SER A 2 -9.30 -5.91 -15.06
C SER A 2 -8.16 -6.00 -14.05
N HIS A 3 -7.01 -6.50 -14.50
CA HIS A 3 -5.89 -6.73 -13.59
C HIS A 3 -4.70 -5.83 -13.91
N SER A 4 -3.67 -5.91 -13.06
CA SER A 4 -2.50 -5.06 -13.22
C SER A 4 -1.27 -5.63 -12.52
N MET A 5 -0.10 -5.31 -13.06
CA MET A 5 1.16 -5.62 -12.40
C MET A 5 1.93 -4.32 -12.16
N LYS A 6 2.24 -4.04 -10.91
CA LYS A 6 2.95 -2.81 -10.57
C LYS A 6 4.19 -3.05 -9.73
N TYR A 7 5.28 -2.37 -10.08
CA TYR A 7 6.50 -2.41 -9.30
C TYR A 7 6.73 -1.08 -8.59
N PHE A 8 7.20 -1.18 -7.35
CA PHE A 8 7.47 -0.01 -6.52
C PHE A 8 8.94 0.01 -6.08
N TYR A 9 9.65 1.04 -6.51
CA TYR A 9 11.04 1.26 -6.16
C TYR A 9 11.16 2.38 -5.13
N THR A 10 11.91 2.13 -4.07
CA THR A 10 12.21 3.16 -3.09
C THR A 10 13.72 3.22 -2.83
N SER A 11 14.31 4.39 -3.04
CA SER A 11 15.73 4.62 -2.84
C SER A 11 15.95 5.71 -1.80
N VAL A 12 16.60 5.34 -0.70
CA VAL A 12 16.80 6.28 0.40
C VAL A 12 18.29 6.51 0.68
N SER A 13 18.75 7.73 0.41
CA SER A 13 20.14 8.07 0.69
C SER A 13 20.32 8.26 2.18
N ARG A 14 21.55 8.10 2.65
CA ARG A 14 21.86 8.22 4.06
C ARG A 14 23.34 8.56 4.26
N PRO A 15 23.67 9.86 4.15
CA PRO A 15 25.02 10.40 4.25
C PRO A 15 25.73 9.97 5.52
N GLY A 16 26.95 9.44 5.38
CA GLY A 16 27.72 9.02 6.52
C GLY A 16 27.35 7.62 6.99
N ARG A 17 26.44 6.97 6.28
CA ARG A 17 26.03 5.62 6.61
C ARG A 17 26.16 4.67 5.40
N GLY A 18 27.03 5.04 4.47
CA GLY A 18 27.31 4.19 3.33
C GLY A 18 26.35 4.35 2.17
N GLU A 19 26.09 3.25 1.48
CA GLU A 19 25.22 3.25 0.31
C GLU A 19 23.76 3.51 0.68
N PRO A 20 22.99 4.07 -0.26
CA PRO A 20 21.55 4.24 -0.10
C PRO A 20 20.83 2.90 -0.14
N ARG A 21 19.66 2.83 0.48
CA ARG A 21 18.84 1.63 0.42
C ARG A 21 17.98 1.63 -0.84
N PHE A 22 17.72 0.44 -1.37
CA PHE A 22 16.86 0.29 -2.54
C PHE A 22 15.95 -0.92 -2.39
N ILE A 23 14.66 -0.67 -2.17
CA ILE A 23 13.67 -1.74 -2.11
C ILE A 23 12.82 -1.75 -3.35
N SER A 24 12.49 -2.93 -3.84
CA SER A 24 11.58 -3.08 -4.97
C SER A 24 10.54 -4.13 -4.61
N VAL A 25 9.26 -3.76 -4.67
CA VAL A 25 8.21 -4.73 -4.43
C VAL A 25 7.29 -4.85 -5.62
N GLY A 26 6.92 -6.09 -5.92
CA GLY A 26 6.04 -6.37 -7.04
C GLY A 26 4.65 -6.75 -6.59
N TYR A 27 3.66 -6.25 -7.30
CA TYR A 27 2.27 -6.50 -6.99
C TYR A 27 1.50 -6.94 -8.22
N VAL A 28 0.64 -7.95 -8.06
CA VAL A 28 -0.39 -8.24 -9.04
C VAL A 28 -1.72 -7.91 -8.37
N ASP A 29 -2.35 -6.84 -8.84
CA ASP A 29 -3.52 -6.29 -8.16
C ASP A 29 -3.14 -5.92 -6.74
N ASP A 30 -3.82 -6.51 -5.76
CA ASP A 30 -3.58 -6.18 -4.36
C ASP A 30 -2.78 -7.25 -3.64
N THR A 31 -1.94 -7.97 -4.39
CA THR A 31 -1.17 -9.07 -3.82
C THR A 31 0.31 -8.94 -4.15
N GLN A 32 1.13 -8.80 -3.12
CA GLN A 32 2.58 -8.73 -3.29
C GLN A 32 3.12 -10.13 -3.61
N PHE A 33 4.11 -10.20 -4.49
CA PHE A 33 4.67 -11.49 -4.89
C PHE A 33 6.20 -11.51 -4.94
N VAL A 34 6.82 -10.34 -5.07
CA VAL A 34 8.28 -10.25 -5.10
C VAL A 34 8.84 -9.08 -4.30
N ARG A 35 10.04 -9.26 -3.77
CA ARG A 35 10.73 -8.22 -3.02
C ARG A 35 12.20 -8.20 -3.41
N PHE A 36 12.85 -7.06 -3.22
CA PHE A 36 14.30 -6.96 -3.31
C PHE A 36 14.79 -5.83 -2.41
N ASP A 37 15.65 -6.18 -1.46
CA ASP A 37 16.15 -5.20 -0.52
C ASP A 37 17.67 -5.19 -0.50
N SER A 38 18.27 -4.04 -0.80
CA SER A 38 19.72 -3.90 -0.81
C SER A 38 20.29 -4.00 0.60
N ASP A 39 19.41 -3.84 1.59
CA ASP A 39 19.82 -3.91 3.00
C ASP A 39 19.73 -5.33 3.53
N ALA A 40 19.54 -6.30 2.64
CA ALA A 40 19.56 -7.70 3.02
C ALA A 40 21.01 -8.19 2.99
N GLU A 41 21.32 -9.16 3.84
CA GLU A 41 22.66 -9.72 3.90
C GLU A 41 23.11 -10.15 2.52
N SER A 42 22.25 -10.87 1.82
CA SER A 42 22.52 -11.29 0.45
C SER A 42 21.39 -10.85 -0.48
N PRO A 43 21.49 -9.62 -0.99
CA PRO A 43 20.49 -9.02 -1.88
C PRO A 43 20.13 -9.95 -3.05
N ARG A 44 18.84 -10.14 -3.27
CA ARG A 44 18.34 -11.02 -4.32
C ARG A 44 16.81 -10.98 -4.37
N GLU A 45 16.24 -11.15 -5.55
CA GLU A 45 14.78 -11.21 -5.69
C GLU A 45 14.24 -12.41 -4.94
N GLU A 46 13.31 -12.16 -4.01
CA GLU A 46 12.71 -13.23 -3.22
C GLU A 46 11.23 -13.34 -3.51
N PRO A 47 10.67 -14.56 -3.36
CA PRO A 47 9.24 -14.77 -3.52
C PRO A 47 8.48 -14.36 -2.26
N ARG A 48 7.34 -13.71 -2.43
CA ARG A 48 6.50 -13.33 -1.30
C ARG A 48 5.10 -13.90 -1.51
N ALA A 49 4.92 -14.62 -2.62
CA ALA A 49 3.68 -15.33 -2.91
C ALA A 49 3.99 -16.78 -3.25
N PRO A 50 3.06 -17.70 -2.93
CA PRO A 50 3.28 -19.13 -3.17
C PRO A 50 3.25 -19.50 -4.66
N TRP A 51 2.53 -18.71 -5.46
CA TRP A 51 2.35 -19.01 -6.87
C TRP A 51 3.50 -18.52 -7.75
N VAL A 52 4.59 -18.09 -7.13
CA VAL A 52 5.74 -17.60 -7.87
C VAL A 52 7.00 -18.37 -7.49
N GLU A 53 6.92 -19.11 -6.39
CA GLU A 53 8.06 -19.89 -5.91
C GLU A 53 8.55 -20.90 -6.94
N GLN A 54 7.62 -21.45 -7.72
CA GLN A 54 7.95 -22.49 -8.70
C GLN A 54 8.63 -21.95 -9.95
N GLU A 55 9.09 -20.69 -9.90
CA GLU A 55 9.81 -20.11 -11.03
C GLU A 55 11.25 -20.59 -11.08
N GLY A 56 11.71 -20.91 -12.30
CA GLY A 56 13.05 -21.44 -12.49
C GLY A 56 14.16 -20.51 -12.05
N PRO A 57 15.35 -21.08 -11.78
CA PRO A 57 16.53 -20.34 -11.34
C PRO A 57 16.85 -19.16 -12.25
N GLU A 58 16.69 -19.34 -13.55
CA GLU A 58 16.95 -18.29 -14.51
C GLU A 58 16.17 -17.04 -14.14
N TYR A 59 14.88 -17.22 -13.87
CA TYR A 59 14.00 -16.13 -13.48
C TYR A 59 14.57 -15.31 -12.33
N TRP A 60 14.87 -15.98 -11.22
CA TRP A 60 15.33 -15.30 -10.02
C TRP A 60 16.70 -14.65 -10.19
N GLU A 61 17.59 -15.32 -10.92
CA GLU A 61 18.92 -14.78 -11.16
C GLU A 61 18.87 -13.51 -12.01
N GLU A 62 18.11 -13.58 -13.10
CA GLU A 62 17.99 -12.44 -14.00
C GLU A 62 17.27 -11.27 -13.32
N ALA A 63 16.22 -11.59 -12.57
CA ALA A 63 15.50 -10.59 -11.80
C ALA A 63 16.44 -9.90 -10.82
N THR A 64 17.29 -10.70 -10.16
CA THR A 64 18.28 -10.16 -9.25
C THR A 64 19.22 -9.21 -9.97
N ARG A 65 19.65 -9.60 -11.16
CA ARG A 65 20.54 -8.77 -11.96
C ARG A 65 19.90 -7.42 -12.26
N ARG A 66 18.69 -7.46 -12.81
CA ARG A 66 17.94 -6.25 -13.14
C ARG A 66 17.75 -5.37 -11.91
N ALA A 67 17.45 -6.00 -10.78
CA ALA A 67 17.27 -5.29 -9.52
C ALA A 67 18.54 -4.54 -9.13
N LYS A 68 19.68 -5.23 -9.22
CA LYS A 68 20.95 -4.61 -8.87
C LYS A 68 21.27 -3.43 -9.79
N GLU A 69 21.06 -3.62 -11.09
CA GLU A 69 21.28 -2.54 -12.04
C GLU A 69 20.41 -1.33 -11.68
N ALA A 70 19.14 -1.59 -11.38
CA ALA A 70 18.21 -0.53 -10.99
C ALA A 70 18.71 0.19 -9.74
N ALA A 71 19.20 -0.59 -8.78
CA ALA A 71 19.72 -0.03 -7.54
C ALA A 71 20.87 0.93 -7.81
N GLN A 72 21.83 0.50 -8.61
CA GLN A 72 22.97 1.35 -8.96
C GLN A 72 22.48 2.62 -9.66
N THR A 73 21.62 2.44 -10.67
CA THR A 73 21.08 3.55 -11.43
C THR A 73 20.46 4.60 -10.50
N HIS A 74 19.66 4.15 -9.55
CA HIS A 74 18.98 5.05 -8.62
C HIS A 74 19.96 5.70 -7.64
N ARG A 75 21.03 4.97 -7.31
CA ARG A 75 22.08 5.53 -6.48
C ARG A 75 22.71 6.71 -7.21
N GLU A 76 22.84 6.61 -8.53
CA GLU A 76 23.31 7.73 -9.33
C GLU A 76 22.24 8.83 -9.37
N ASN A 77 20.99 8.41 -9.50
CA ASN A 77 19.86 9.33 -9.56
C ASN A 77 19.83 10.27 -8.35
N LEU A 78 20.14 9.75 -7.17
CA LEU A 78 20.14 10.57 -5.97
C LEU A 78 21.17 11.69 -6.04
N ARG A 79 22.40 11.37 -6.44
CA ARG A 79 23.43 12.39 -6.58
C ARG A 79 23.02 13.42 -7.65
N THR A 80 22.56 12.93 -8.79
CA THR A 80 22.06 13.81 -9.85
C THR A 80 21.00 14.77 -9.33
N ALA A 81 20.09 14.25 -8.50
CA ALA A 81 19.04 15.09 -7.92
C ALA A 81 19.63 16.12 -6.97
N LEU A 82 20.69 15.72 -6.26
CA LEU A 82 21.41 16.65 -5.41
C LEU A 82 21.92 17.81 -6.25
N ARG A 83 22.46 17.49 -7.43
CA ARG A 83 23.00 18.51 -8.32
C ARG A 83 21.91 19.41 -8.91
N TYR A 84 20.78 18.81 -9.28
CA TYR A 84 19.68 19.56 -9.88
C TYR A 84 19.05 20.58 -8.94
N TYR A 85 18.84 20.19 -7.69
CA TYR A 85 18.23 21.09 -6.72
C TYR A 85 19.27 21.83 -5.88
N ASN A 86 20.54 21.65 -6.23
CA ASN A 86 21.62 22.33 -5.53
C ASN A 86 21.55 22.10 -4.03
N GLN A 87 21.54 20.84 -3.62
CA GLN A 87 21.38 20.48 -2.21
C GLN A 87 22.66 19.95 -1.57
N SER A 88 22.70 19.98 -0.25
CA SER A 88 23.85 19.55 0.52
C SER A 88 24.02 18.03 0.50
N GLU A 89 25.25 17.58 0.73
CA GLU A 89 25.54 16.15 0.76
C GLU A 89 25.22 15.54 2.12
N ALA A 90 24.73 16.37 3.04
CA ALA A 90 24.49 15.93 4.41
C ALA A 90 23.07 15.41 4.62
N GLY A 91 22.12 16.00 3.91
CA GLY A 91 20.72 15.62 4.05
C GLY A 91 20.39 14.26 3.47
N SER A 92 19.37 13.62 4.02
CA SER A 92 18.88 12.36 3.50
C SER A 92 17.73 12.62 2.53
N HIS A 93 17.75 11.96 1.38
CA HIS A 93 16.72 12.17 0.36
C HIS A 93 16.15 10.88 -0.18
N THR A 94 14.97 10.96 -0.80
CA THR A 94 14.25 9.79 -1.23
C THR A 94 13.80 9.90 -2.69
N ILE A 95 13.94 8.81 -3.43
CA ILE A 95 13.39 8.71 -4.77
C ILE A 95 12.47 7.51 -4.83
N GLN A 96 11.25 7.70 -5.33
CA GLN A 96 10.31 6.61 -5.47
C GLN A 96 9.84 6.50 -6.90
N LYS A 97 9.67 5.28 -7.39
CA LYS A 97 9.14 5.06 -8.72
C LYS A 97 8.12 3.94 -8.77
N MET A 98 6.91 4.25 -9.23
CA MET A 98 5.90 3.24 -9.46
C MET A 98 5.72 3.06 -10.96
N TYR A 99 5.77 1.82 -11.42
CA TYR A 99 5.52 1.58 -12.84
C TYR A 99 4.88 0.23 -13.10
N GLY A 100 3.94 0.18 -14.04
CA GLY A 100 3.27 -1.08 -14.33
C GLY A 100 2.27 -1.00 -15.47
N CYS A 101 1.42 -2.02 -15.57
CA CYS A 101 0.48 -2.13 -16.67
C CYS A 101 -0.88 -2.63 -16.21
N ASP A 102 -1.94 -1.99 -16.70
CA ASP A 102 -3.29 -2.45 -16.46
C ASP A 102 -3.77 -3.31 -17.63
N LEU A 103 -3.84 -4.61 -17.42
CA LEU A 103 -4.38 -5.52 -18.42
C LEU A 103 -5.89 -5.35 -18.52
N GLY A 104 -6.35 -4.77 -19.61
CA GLY A 104 -7.78 -4.54 -19.81
C GLY A 104 -8.52 -5.81 -20.19
N PRO A 105 -9.87 -5.73 -20.19
CA PRO A 105 -10.72 -6.88 -20.53
C PRO A 105 -10.54 -7.31 -21.97
N ASP A 106 -10.16 -6.37 -22.84
CA ASP A 106 -9.95 -6.68 -24.25
C ASP A 106 -8.60 -7.34 -24.47
N GLY A 107 -7.85 -7.53 -23.40
CA GLY A 107 -6.54 -8.16 -23.49
C GLY A 107 -5.45 -7.22 -23.95
N ARG A 108 -5.80 -5.94 -24.07
CA ARG A 108 -4.84 -4.92 -24.50
C ARG A 108 -4.52 -4.00 -23.32
N LEU A 109 -3.47 -3.20 -23.47
CA LEU A 109 -3.03 -2.32 -22.40
C LEU A 109 -4.03 -1.19 -22.15
N LEU A 110 -4.82 -1.34 -21.08
CA LEU A 110 -5.78 -0.31 -20.69
C LEU A 110 -5.08 0.96 -20.25
N ARG A 111 -4.01 0.81 -19.49
CA ARG A 111 -3.26 1.96 -18.99
C ARG A 111 -1.82 1.56 -18.63
N GLY A 112 -0.88 2.43 -18.95
CA GLY A 112 0.51 2.20 -18.62
C GLY A 112 0.99 3.16 -17.55
N TYR A 113 1.84 2.68 -16.65
CA TYR A 113 2.32 3.51 -15.55
C TYR A 113 3.85 3.61 -15.55
N HIS A 114 4.34 4.83 -15.37
CA HIS A 114 5.76 5.08 -15.14
C HIS A 114 5.91 6.47 -14.54
N GLN A 115 5.86 6.54 -13.22
CA GLN A 115 5.92 7.82 -12.54
C GLN A 115 6.87 7.78 -11.35
N SER A 116 7.64 8.85 -11.17
CA SER A 116 8.58 8.91 -10.07
C SER A 116 8.50 10.22 -9.30
N ALA A 117 8.92 10.17 -8.03
CA ALA A 117 8.89 11.34 -7.17
C ALA A 117 10.23 11.54 -6.48
N TYR A 118 10.50 12.77 -6.07
CA TYR A 118 11.67 13.09 -5.27
C TYR A 118 11.19 13.67 -3.94
N ASP A 119 11.77 13.18 -2.85
CA ASP A 119 11.36 13.59 -1.50
C ASP A 119 9.84 13.71 -1.32
N GLY A 120 9.09 12.79 -1.93
CA GLY A 120 7.65 12.71 -1.73
C GLY A 120 6.81 13.62 -2.59
N LYS A 121 7.43 14.27 -3.57
CA LYS A 121 6.73 15.17 -4.48
C LYS A 121 6.96 14.74 -5.92
N ASP A 122 5.91 14.85 -6.73
CA ASP A 122 5.99 14.53 -8.15
C ASP A 122 7.31 15.01 -8.76
N TYR A 123 7.92 14.17 -9.59
CA TYR A 123 9.14 14.54 -10.29
C TYR A 123 8.92 14.51 -11.80
N ILE A 124 8.77 13.30 -12.34
CA ILE A 124 8.47 13.13 -13.76
C ILE A 124 7.56 11.92 -13.96
N ALA A 125 6.62 12.03 -14.89
CA ALA A 125 5.66 10.95 -15.12
C ALA A 125 5.36 10.75 -16.60
N LEU A 126 5.24 9.49 -17.01
CA LEU A 126 4.87 9.18 -18.38
C LEU A 126 3.38 9.48 -18.59
N ASN A 127 3.06 10.18 -19.66
CA ASN A 127 1.67 10.55 -19.94
C ASN A 127 0.84 9.39 -20.46
N GLY A 128 -0.48 9.59 -20.53
CA GLY A 128 -1.40 8.57 -20.98
C GLY A 128 -1.11 8.03 -22.36
N ASP A 129 -0.63 8.90 -23.25
CA ASP A 129 -0.32 8.49 -24.62
C ASP A 129 0.92 7.60 -24.68
N LEU A 130 1.67 7.58 -23.58
CA LEU A 130 2.88 6.76 -23.47
C LEU A 130 3.96 7.19 -24.46
N ARG A 131 3.93 8.46 -24.85
CA ARG A 131 4.89 9.00 -25.81
C ARG A 131 5.54 10.27 -25.27
N SER A 132 4.86 10.93 -24.35
CA SER A 132 5.33 12.21 -23.81
C SER A 132 5.49 12.15 -22.29
N TRP A 133 6.29 13.07 -21.76
CA TRP A 133 6.54 13.14 -20.33
C TRP A 133 5.98 14.42 -19.73
N THR A 134 5.57 14.33 -18.46
CA THR A 134 5.17 15.50 -17.70
C THR A 134 6.15 15.68 -16.55
N ALA A 135 6.88 16.78 -16.57
CA ALA A 135 7.84 17.09 -15.52
C ALA A 135 7.24 18.07 -14.52
N ALA A 136 7.41 17.80 -13.24
CA ALA A 136 6.82 18.61 -12.18
C ALA A 136 7.48 19.99 -12.06
N ASP A 137 8.79 20.04 -12.25
CA ASP A 137 9.53 21.30 -12.14
C ASP A 137 10.64 21.42 -13.18
N MET A 138 11.42 22.50 -13.09
CA MET A 138 12.46 22.77 -14.07
C MET A 138 13.63 21.81 -13.94
N ALA A 139 13.77 21.20 -12.77
CA ALA A 139 14.82 20.22 -12.54
C ALA A 139 14.52 18.91 -13.25
N ALA A 140 13.26 18.50 -13.24
CA ALA A 140 12.85 17.27 -13.89
C ALA A 140 12.93 17.38 -15.41
N GLN A 141 12.85 18.60 -15.92
CA GLN A 141 12.90 18.82 -17.36
C GLN A 141 14.27 18.52 -17.94
N ASN A 142 15.30 18.54 -17.10
CA ASN A 142 16.61 18.06 -17.52
C ASN A 142 16.50 16.58 -17.88
N THR A 143 16.05 15.81 -16.90
CA THR A 143 15.74 14.39 -17.11
C THR A 143 14.84 14.18 -18.33
N GLN A 144 13.93 15.12 -18.58
CA GLN A 144 13.04 15.03 -19.73
C GLN A 144 13.82 15.16 -21.04
N ARG A 145 14.68 16.16 -21.13
CA ARG A 145 15.55 16.30 -22.29
C ARG A 145 16.29 14.99 -22.49
N LYS A 146 16.80 14.44 -21.39
CA LYS A 146 17.56 13.19 -21.44
C LYS A 146 16.76 12.01 -22.01
N TRP A 147 15.57 11.78 -21.45
CA TRP A 147 14.75 10.64 -21.84
C TRP A 147 14.15 10.80 -23.24
N GLU A 148 13.90 12.04 -23.65
CA GLU A 148 13.42 12.30 -25.00
C GLU A 148 14.55 12.10 -26.01
N GLY A 149 15.76 12.46 -25.61
CA GLY A 149 16.92 12.30 -26.46
C GLY A 149 17.22 10.84 -26.77
N ASN A 150 16.98 9.96 -25.80
CA ASN A 150 17.27 8.55 -25.96
C ASN A 150 16.03 7.73 -26.33
N ARG A 151 14.93 8.41 -26.58
CA ARG A 151 13.65 7.74 -26.90
C ARG A 151 13.28 6.71 -25.85
N TYR A 152 13.46 7.08 -24.58
CA TYR A 152 13.14 6.20 -23.47
C TYR A 152 11.66 5.78 -23.48
N ALA A 153 10.79 6.72 -23.82
CA ALA A 153 9.36 6.44 -23.86
C ALA A 153 9.03 5.28 -24.81
N GLU A 154 9.68 5.25 -25.97
CA GLU A 154 9.45 4.19 -26.95
C GLU A 154 9.81 2.83 -26.37
N ARG A 155 11.00 2.74 -25.80
CA ARG A 155 11.46 1.51 -25.17
C ARG A 155 10.51 1.06 -24.08
N PHE A 156 10.15 1.97 -23.19
CA PHE A 156 9.27 1.61 -22.09
C PHE A 156 7.89 1.22 -22.58
N ARG A 157 7.43 1.83 -23.67
CA ARG A 157 6.16 1.47 -24.29
CA ARG A 157 6.16 1.47 -24.26
C ARG A 157 6.27 0.05 -24.78
N ALA A 158 7.39 -0.27 -25.41
CA ALA A 158 7.68 -1.61 -25.87
C ALA A 158 7.57 -2.58 -24.71
N TYR A 159 8.12 -2.20 -23.55
CA TYR A 159 8.04 -3.05 -22.37
C TYR A 159 6.60 -3.25 -21.89
N LEU A 160 5.88 -2.15 -21.73
CA LEU A 160 4.52 -2.20 -21.19
C LEU A 160 3.58 -3.02 -22.07
N GLU A 161 3.61 -2.75 -23.36
CA GLU A 161 2.69 -3.41 -24.28
C GLU A 161 3.02 -4.87 -24.50
N GLY A 162 4.25 -5.26 -24.18
CA GLY A 162 4.70 -6.62 -24.42
C GLY A 162 5.02 -7.40 -23.17
N GLU A 163 6.30 -7.47 -22.84
CA GLU A 163 6.79 -8.28 -21.73
C GLU A 163 5.98 -8.10 -20.44
N CYS A 164 5.60 -6.87 -20.13
CA CYS A 164 4.83 -6.58 -18.93
C CYS A 164 3.49 -7.30 -18.94
N LEU A 165 2.71 -7.07 -19.98
CA LEU A 165 1.41 -7.72 -20.12
C LEU A 165 1.52 -9.25 -20.12
N GLU A 166 2.51 -9.76 -20.84
CA GLU A 166 2.72 -11.20 -20.95
C GLU A 166 3.00 -11.83 -19.59
N TRP A 167 4.01 -11.31 -18.90
CA TRP A 167 4.32 -11.78 -17.56
C TRP A 167 3.13 -11.65 -16.62
N LEU A 168 2.36 -10.58 -16.79
CA LEU A 168 1.15 -10.38 -16.01
C LEU A 168 0.16 -11.53 -16.23
N ARG A 169 -0.04 -11.89 -17.49
CA ARG A 169 -0.94 -12.98 -17.84
C ARG A 169 -0.46 -14.31 -17.25
N ARG A 170 0.84 -14.57 -17.38
CA ARG A 170 1.41 -15.78 -16.80
C ARG A 170 1.18 -15.84 -15.29
N TYR A 171 1.47 -14.74 -14.59
CA TYR A 171 1.25 -14.65 -13.15
C TYR A 171 -0.21 -14.93 -12.82
N LEU A 172 -1.11 -14.38 -13.63
CA LEU A 172 -2.54 -14.57 -13.42
C LEU A 172 -2.93 -16.03 -13.56
N GLU A 173 -2.29 -16.73 -14.49
CA GLU A 173 -2.58 -18.15 -14.69
C GLU A 173 -2.02 -19.02 -13.55
N ASN A 174 -0.76 -18.80 -13.22
CA ASN A 174 -0.10 -19.60 -12.19
C ASN A 174 -0.71 -19.41 -10.79
N GLY A 175 -1.27 -18.22 -10.56
CA GLY A 175 -1.88 -17.92 -9.29
C GLY A 175 -3.37 -17.68 -9.43
N LYS A 176 -3.98 -18.38 -10.37
CA LYS A 176 -5.40 -18.22 -10.67
C LYS A 176 -6.27 -18.35 -9.43
N GLU A 177 -5.90 -19.25 -8.54
CA GLU A 177 -6.73 -19.57 -7.37
C GLU A 177 -6.83 -18.40 -6.39
N THR A 178 -5.75 -17.65 -6.23
CA THR A 178 -5.75 -16.53 -5.27
C THR A 178 -5.86 -15.16 -5.95
N LEU A 179 -5.49 -15.10 -7.22
CA LEU A 179 -5.54 -13.84 -7.97
C LEU A 179 -6.90 -13.63 -8.63
N GLN A 180 -7.43 -14.67 -9.25
CA GLN A 180 -8.73 -14.59 -9.91
C GLN A 180 -9.85 -15.02 -8.97
N ARG A 181 -9.96 -14.32 -7.84
CA ARG A 181 -11.01 -14.60 -6.87
C ARG A 181 -11.66 -13.31 -6.39
N ALA A 182 -12.94 -13.39 -6.06
CA ALA A 182 -13.65 -12.24 -5.52
C ALA A 182 -14.38 -12.67 -4.24
N ASP A 183 -13.77 -12.36 -3.10
CA ASP A 183 -14.34 -12.72 -1.81
C ASP A 183 -15.15 -11.56 -1.26
N PRO A 184 -16.47 -11.76 -1.11
CA PRO A 184 -17.35 -10.74 -0.54
C PRO A 184 -17.04 -10.52 0.93
N PRO A 185 -17.30 -9.31 1.44
CA PRO A 185 -17.05 -8.99 2.85
C PRO A 185 -18.15 -9.50 3.77
N LYS A 186 -17.78 -9.85 5.00
CA LYS A 186 -18.75 -10.07 6.07
C LYS A 186 -19.07 -8.70 6.67
N THR A 187 -20.33 -8.34 6.63
CA THR A 187 -20.73 -7.00 7.06
C THR A 187 -21.57 -7.04 8.32
N HIS A 188 -21.55 -5.95 9.08
CA HIS A 188 -22.41 -5.83 10.25
C HIS A 188 -22.36 -4.42 10.85
N VAL A 189 -23.45 -4.00 11.49
CA VAL A 189 -23.51 -2.66 12.07
C VAL A 189 -23.44 -2.71 13.59
N THR A 190 -22.61 -1.84 14.18
CA THR A 190 -22.50 -1.78 15.64
C THR A 190 -22.87 -0.40 16.16
N HIS A 191 -23.42 -0.39 17.37
CA HIS A 191 -23.85 0.85 18.02
C HIS A 191 -22.89 1.23 19.14
N HIS A 192 -22.59 2.52 19.28
CA HIS A 192 -21.68 2.98 20.31
C HIS A 192 -22.15 4.28 20.96
N PRO A 193 -22.00 4.39 22.28
CA PRO A 193 -22.41 5.61 22.98
C PRO A 193 -21.46 6.77 22.71
N VAL A 194 -22.00 7.97 22.62
CA VAL A 194 -21.20 9.16 22.41
C VAL A 194 -21.64 10.29 23.34
N SER A 195 -22.93 10.62 23.27
CA SER A 195 -23.49 11.73 24.04
C SER A 195 -24.82 11.34 24.65
N ASP A 196 -25.33 12.21 25.53
CA ASP A 196 -26.63 11.98 26.15
C ASP A 196 -27.75 12.06 25.11
N HIS A 197 -27.41 12.56 23.93
CA HIS A 197 -28.39 12.69 22.85
C HIS A 197 -27.79 12.30 21.49
N GLU A 198 -26.62 11.68 21.52
CA GLU A 198 -25.96 11.24 20.29
C GLU A 198 -25.32 9.86 20.43
N ALA A 199 -25.05 9.23 19.29
CA ALA A 199 -24.41 7.92 19.27
C ALA A 199 -23.65 7.73 17.96
N THR A 200 -23.03 6.56 17.80
CA THR A 200 -22.27 6.26 16.60
C THR A 200 -22.68 4.91 16.01
N LEU A 201 -23.05 4.93 14.73
CA LEU A 201 -23.32 3.70 13.99
C LEU A 201 -22.12 3.35 13.12
N ARG A 202 -21.46 2.24 13.44
CA ARG A 202 -20.28 1.83 12.70
C ARG A 202 -20.57 0.65 11.78
N CYS A 203 -20.38 0.86 10.48
CA CYS A 203 -20.61 -0.18 9.48
C CYS A 203 -19.31 -0.93 9.16
N TRP A 204 -19.37 -2.25 9.30
CA TRP A 204 -18.20 -3.12 9.17
C TRP A 204 -18.23 -4.01 7.95
N ALA A 205 -17.13 -4.02 7.21
CA ALA A 205 -16.91 -4.94 6.10
C ALA A 205 -15.55 -5.62 6.27
N LEU A 206 -15.58 -6.94 6.44
CA LEU A 206 -14.36 -7.68 6.78
C LEU A 206 -14.04 -8.84 5.84
N GLY A 207 -12.75 -9.15 5.71
CA GLY A 207 -12.30 -10.31 4.95
C GLY A 207 -12.70 -10.32 3.48
N PHE A 208 -12.55 -9.18 2.82
CA PHE A 208 -12.90 -9.10 1.40
C PHE A 208 -11.68 -8.92 0.50
N TYR A 209 -11.84 -9.29 -0.77
CA TYR A 209 -10.78 -9.14 -1.76
C TYR A 209 -11.40 -9.08 -3.16
N PRO A 210 -10.88 -8.19 -4.02
CA PRO A 210 -9.76 -7.28 -3.76
C PRO A 210 -10.14 -6.13 -2.83
N ALA A 211 -9.20 -5.21 -2.61
CA ALA A 211 -9.38 -4.11 -1.67
C ALA A 211 -10.48 -3.15 -2.09
N GLU A 212 -10.58 -2.89 -3.39
CA GLU A 212 -11.59 -1.97 -3.91
C GLU A 212 -12.97 -2.25 -3.33
N ILE A 213 -13.55 -1.25 -2.69
CA ILE A 213 -14.85 -1.38 -2.04
C ILE A 213 -15.49 -0.02 -1.83
N THR A 214 -16.82 0.03 -1.81
CA THR A 214 -17.53 1.28 -1.60
C THR A 214 -18.45 1.19 -0.39
N LEU A 215 -18.15 1.97 0.64
CA LEU A 215 -18.91 1.94 1.88
C LEU A 215 -19.54 3.30 2.13
N THR A 216 -20.87 3.35 2.14
CA THR A 216 -21.56 4.63 2.32
C THR A 216 -22.67 4.56 3.35
N TRP A 217 -23.17 5.74 3.73
CA TRP A 217 -24.34 5.84 4.62
C TRP A 217 -25.44 6.64 3.94
N GLN A 218 -26.69 6.27 4.23
CA GLN A 218 -27.83 6.99 3.72
C GLN A 218 -28.82 7.28 4.83
N ARG A 219 -29.40 8.47 4.79
CA ARG A 219 -30.44 8.86 5.72
C ARG A 219 -31.77 8.86 4.97
N ASP A 220 -32.63 7.90 5.31
CA ASP A 220 -33.94 7.78 4.68
C ASP A 220 -33.86 7.87 3.16
N GLY A 221 -32.88 7.20 2.57
CA GLY A 221 -32.75 7.12 1.13
C GLY A 221 -31.80 8.15 0.53
N GLU A 222 -31.59 9.25 1.24
CA GLU A 222 -30.74 10.31 0.74
C GLU A 222 -29.32 10.21 1.30
N GLU A 223 -28.34 10.11 0.40
CA GLU A 223 -26.94 9.98 0.79
C GLU A 223 -26.60 10.88 1.97
N GLN A 224 -25.79 10.36 2.88
CA GLN A 224 -25.37 11.14 4.05
C GLN A 224 -23.85 11.26 4.09
N THR A 225 -23.36 12.49 4.16
CA THR A 225 -21.92 12.74 4.16
C THR A 225 -21.46 13.44 5.44
N GLN A 226 -22.34 14.25 6.03
CA GLN A 226 -22.01 14.96 7.26
C GLN A 226 -21.92 14.01 8.45
N ASP A 227 -21.01 14.30 9.37
CA ASP A 227 -20.87 13.53 10.60
C ASP A 227 -20.45 12.08 10.32
N THR A 228 -19.83 11.85 9.17
CA THR A 228 -19.37 10.52 8.80
C THR A 228 -17.86 10.39 8.98
N GLU A 229 -17.39 9.16 9.07
CA GLU A 229 -15.97 8.87 9.15
C GLU A 229 -15.64 7.54 8.50
N PHE A 230 -14.87 7.58 7.43
CA PHE A 230 -14.51 6.36 6.72
C PHE A 230 -13.00 6.12 6.77
N VAL A 231 -12.60 5.18 7.62
CA VAL A 231 -11.19 4.84 7.75
C VAL A 231 -10.62 4.26 6.46
N GLU A 232 -9.33 4.46 6.26
CA GLU A 232 -8.64 3.93 5.09
C GLU A 232 -8.70 2.41 5.09
N THR A 233 -8.96 1.83 3.93
CA THR A 233 -9.01 0.38 3.80
C THR A 233 -7.71 -0.24 4.30
N ARG A 234 -7.84 -1.22 5.19
CA ARG A 234 -6.67 -1.81 5.83
C ARG A 234 -6.55 -3.30 5.52
N PRO A 235 -5.32 -3.84 5.61
CA PRO A 235 -5.04 -5.25 5.32
C PRO A 235 -5.30 -6.16 6.53
N GLY A 236 -5.76 -7.38 6.27
CA GLY A 236 -5.96 -8.36 7.31
C GLY A 236 -4.69 -9.12 7.64
N GLY A 237 -3.78 -9.18 6.67
CA GLY A 237 -2.53 -9.92 6.84
C GLY A 237 -2.65 -11.33 6.31
N ASP A 238 -3.85 -11.70 5.90
CA ASP A 238 -4.12 -13.03 5.35
C ASP A 238 -4.56 -12.96 3.90
N GLY A 239 -4.29 -11.83 3.26
CA GLY A 239 -4.69 -11.64 1.87
C GLY A 239 -6.06 -11.02 1.72
N THR A 240 -6.66 -10.62 2.83
CA THR A 240 -7.97 -9.96 2.80
C THR A 240 -7.84 -8.50 3.21
N PHE A 241 -8.95 -7.80 3.23
CA PHE A 241 -8.97 -6.40 3.62
C PHE A 241 -10.17 -6.09 4.51
N GLN A 242 -10.07 -4.97 5.23
CA GLN A 242 -11.13 -4.55 6.15
C GLN A 242 -11.40 -3.06 5.97
N LYS A 243 -12.60 -2.65 6.36
CA LYS A 243 -12.98 -1.24 6.27
C LYS A 243 -14.28 -1.00 7.04
N TRP A 244 -14.34 0.13 7.75
CA TRP A 244 -15.58 0.51 8.40
C TRP A 244 -15.89 1.99 8.24
N GLY A 245 -17.18 2.31 8.20
CA GLY A 245 -17.63 3.68 8.07
C GLY A 245 -18.65 4.01 9.14
N ALA A 246 -18.35 5.02 9.96
CA ALA A 246 -19.22 5.37 11.08
C ALA A 246 -19.99 6.66 10.82
N VAL A 247 -21.10 6.82 11.53
CA VAL A 247 -21.89 8.05 11.45
C VAL A 247 -22.42 8.44 12.83
N VAL A 248 -22.35 9.73 13.14
CA VAL A 248 -22.89 10.23 14.40
C VAL A 248 -24.38 10.52 14.26
N VAL A 249 -25.20 9.78 14.99
CA VAL A 249 -26.65 9.86 14.86
C VAL A 249 -27.32 10.17 16.20
N PRO A 250 -28.21 11.17 16.20
CA PRO A 250 -28.99 11.53 17.39
C PRO A 250 -29.79 10.33 17.90
N SER A 251 -29.87 10.17 19.21
CA SER A 251 -30.59 9.05 19.82
C SER A 251 -32.04 8.99 19.36
N GLY A 252 -32.50 7.80 19.01
CA GLY A 252 -33.87 7.60 18.57
C GLY A 252 -34.01 7.67 17.06
N GLU A 253 -32.95 8.08 16.39
CA GLU A 253 -32.98 8.23 14.94
C GLU A 253 -32.28 7.07 14.23
N GLU A 254 -31.85 6.08 15.01
CA GLU A 254 -31.08 4.96 14.48
C GLU A 254 -31.70 4.29 13.24
N GLN A 255 -33.00 4.02 13.31
CA GLN A 255 -33.67 3.28 12.25
C GLN A 255 -33.66 3.98 10.89
N ARG A 256 -33.40 5.28 10.90
CA ARG A 256 -33.44 6.08 9.67
C ARG A 256 -32.15 6.02 8.86
N TYR A 257 -31.12 5.43 9.44
CA TYR A 257 -29.82 5.33 8.78
C TYR A 257 -29.55 3.93 8.23
N THR A 258 -28.97 3.87 7.05
CA THR A 258 -28.64 2.59 6.41
C THR A 258 -27.22 2.63 5.87
N CYS A 259 -26.58 1.46 5.81
CA CYS A 259 -25.23 1.35 5.28
C CYS A 259 -25.25 0.62 3.94
N HIS A 260 -24.50 1.13 2.97
CA HIS A 260 -24.48 0.55 1.64
C HIS A 260 -23.08 0.08 1.24
N VAL A 261 -22.99 -1.17 0.83
CA VAL A 261 -21.71 -1.78 0.50
C VAL A 261 -21.66 -2.27 -0.94
N GLN A 262 -20.61 -1.89 -1.65
CA GLN A 262 -20.39 -2.34 -3.01
C GLN A 262 -19.03 -3.02 -3.14
N HIS A 263 -19.06 -4.27 -3.62
CA HIS A 263 -17.85 -5.04 -3.81
C HIS A 263 -18.12 -6.09 -4.91
N GLU A 264 -17.11 -6.35 -5.73
CA GLU A 264 -17.29 -7.27 -6.86
C GLU A 264 -17.58 -8.70 -6.41
N GLY A 265 -17.38 -8.97 -5.12
CA GLY A 265 -17.65 -10.28 -4.57
C GLY A 265 -19.10 -10.45 -4.18
N LEU A 266 -19.85 -9.35 -4.25
CA LEU A 266 -21.27 -9.36 -3.92
C LEU A 266 -22.13 -9.41 -5.19
N PRO A 267 -23.05 -10.38 -5.26
CA PRO A 267 -23.97 -10.50 -6.39
C PRO A 267 -24.83 -9.24 -6.52
N GLU A 268 -25.19 -8.66 -5.37
CA GLU A 268 -25.98 -7.44 -5.34
C GLU A 268 -25.55 -6.55 -4.19
N PRO A 269 -25.47 -5.25 -4.44
CA PRO A 269 -25.04 -4.29 -3.42
C PRO A 269 -25.87 -4.39 -2.15
N LEU A 270 -25.20 -4.37 -1.00
CA LEU A 270 -25.86 -4.60 0.28
C LEU A 270 -26.49 -3.35 0.90
N THR A 271 -27.56 -3.56 1.64
CA THR A 271 -28.21 -2.52 2.42
C THR A 271 -28.39 -3.03 3.85
N LEU A 272 -27.81 -2.32 4.81
CA LEU A 272 -27.78 -2.81 6.18
C LEU A 272 -28.35 -1.80 7.18
N ARG A 273 -28.97 -2.33 8.23
CA ARG A 273 -29.44 -1.51 9.35
C ARG A 273 -28.94 -2.13 10.63
N TRP A 274 -28.97 -1.38 11.73
CA TRP A 274 -28.61 -1.92 13.03
C TRP A 274 -29.69 -2.88 13.51
N GLU A 275 -29.29 -4.11 13.83
CA GLU A 275 -30.23 -5.15 14.26
C GLU A 275 -30.04 -5.52 15.72
N PRO A 276 -31.15 -5.69 16.46
CA PRO A 276 -31.08 -6.16 17.84
C PRO A 276 -30.60 -7.61 17.91
N MET B 1 11.48 20.83 2.14
CA MET B 1 11.06 19.44 2.18
C MET B 1 9.97 19.22 3.22
N ILE B 2 8.95 18.47 2.86
CA ILE B 2 7.86 18.21 3.77
C ILE B 2 7.81 16.78 4.27
N GLN B 3 7.58 16.65 5.56
CA GLN B 3 7.53 15.34 6.19
C GLN B 3 6.12 15.10 6.74
N ARG B 4 5.60 13.89 6.51
CA ARG B 4 4.21 13.59 6.81
C ARG B 4 4.06 12.60 7.96
N THR B 5 3.03 12.80 8.79
CA THR B 5 2.82 11.96 9.96
C THR B 5 2.22 10.61 9.59
N PRO B 6 2.39 9.61 10.48
CA PRO B 6 1.81 8.29 10.28
C PRO B 6 0.39 8.16 10.82
N LYS B 7 -0.53 7.74 9.96
CA LYS B 7 -1.86 7.33 10.39
C LYS B 7 -1.73 5.92 10.95
N ILE B 8 -2.33 5.70 12.12
CA ILE B 8 -2.19 4.43 12.83
C ILE B 8 -3.53 3.72 13.03
N GLN B 9 -3.58 2.44 12.67
CA GLN B 9 -4.76 1.64 12.95
C GLN B 9 -4.39 0.33 13.65
N VAL B 10 -5.00 0.10 14.80
CA VAL B 10 -4.75 -1.11 15.56
C VAL B 10 -6.01 -1.97 15.56
N TYR B 11 -5.89 -3.21 15.09
CA TYR B 11 -7.05 -4.08 14.96
C TYR B 11 -6.64 -5.55 14.94
N SER B 12 -7.62 -6.44 14.86
CA SER B 12 -7.33 -7.87 14.80
C SER B 12 -7.70 -8.47 13.45
N ARG B 13 -6.92 -9.45 13.00
CA ARG B 13 -7.16 -10.10 11.72
C ARG B 13 -8.56 -10.70 11.66
N HIS B 14 -8.87 -11.57 12.60
CA HIS B 14 -10.20 -12.16 12.71
C HIS B 14 -10.95 -11.50 13.84
N PRO B 15 -12.29 -11.61 13.85
CA PRO B 15 -13.09 -11.06 14.95
C PRO B 15 -12.60 -11.58 16.29
N PRO B 16 -12.47 -10.68 17.28
CA PRO B 16 -11.90 -11.00 18.59
C PRO B 16 -12.81 -11.89 19.44
N GLU B 17 -12.39 -13.15 19.62
CA GLU B 17 -13.10 -14.05 20.52
C GLU B 17 -12.13 -14.59 21.57
N ASN B 18 -12.45 -14.34 22.84
CA ASN B 18 -11.59 -14.75 23.95
C ASN B 18 -11.28 -16.23 23.93
N GLY B 19 -10.01 -16.56 24.14
CA GLY B 19 -9.56 -17.95 24.14
C GLY B 19 -9.06 -18.40 22.78
N LYS B 20 -9.56 -17.77 21.72
CA LYS B 20 -9.20 -18.15 20.36
C LYS B 20 -7.96 -17.42 19.86
N PRO B 21 -6.97 -18.17 19.38
CA PRO B 21 -5.75 -17.60 18.79
C PRO B 21 -6.10 -16.65 17.65
N ASN B 22 -5.31 -15.58 17.50
CA ASN B 22 -5.60 -14.55 16.52
C ASN B 22 -4.34 -13.78 16.14
N PHE B 23 -4.50 -12.75 15.32
CA PHE B 23 -3.39 -11.90 14.93
C PHE B 23 -3.66 -10.43 15.25
N LEU B 24 -2.70 -9.82 15.93
CA LEU B 24 -2.74 -8.40 16.22
C LEU B 24 -2.03 -7.62 15.11
N ASN B 25 -2.78 -6.70 14.50
CA ASN B 25 -2.30 -5.87 13.39
C ASN B 25 -2.20 -4.40 13.74
N CYS B 26 -1.04 -3.82 13.49
CA CYS B 26 -0.83 -2.38 13.52
C CYS B 26 -0.45 -1.91 12.13
N TYR B 27 -1.40 -1.27 11.45
CA TYR B 27 -1.20 -0.75 10.12
C TYR B 27 -0.85 0.72 10.18
N VAL B 28 0.32 1.08 9.66
CA VAL B 28 0.78 2.45 9.65
C VAL B 28 0.86 2.95 8.21
N SER B 29 0.31 4.13 7.94
CA SER B 29 0.22 4.60 6.56
C SER B 29 0.35 6.12 6.41
N GLY B 30 0.49 6.59 5.18
CA GLY B 30 0.48 8.01 4.88
C GLY B 30 1.63 8.82 5.45
N PHE B 31 2.76 8.18 5.75
CA PHE B 31 3.90 8.88 6.33
C PHE B 31 5.06 9.08 5.36
N HIS B 32 6.01 9.94 5.75
CA HIS B 32 7.19 10.21 4.94
C HIS B 32 8.17 11.06 5.75
N PRO B 33 9.46 10.67 5.77
CA PRO B 33 10.09 9.58 5.02
C PRO B 33 9.73 8.19 5.52
N SER B 34 10.40 7.18 4.97
CA SER B 34 10.05 5.79 5.22
C SER B 34 10.49 5.27 6.58
N ASP B 35 11.56 5.85 7.13
CA ASP B 35 12.04 5.44 8.44
C ASP B 35 10.94 5.58 9.49
N ILE B 36 10.79 4.55 10.32
CA ILE B 36 9.73 4.55 11.33
C ILE B 36 9.88 3.36 12.28
N GLU B 37 9.60 3.60 13.56
CA GLU B 37 9.65 2.54 14.57
C GLU B 37 8.24 2.10 14.96
N VAL B 38 8.01 0.80 14.94
CA VAL B 38 6.70 0.26 15.32
C VAL B 38 6.85 -0.94 16.25
N ASP B 39 6.12 -0.91 17.37
CA ASP B 39 6.15 -2.00 18.34
C ASP B 39 4.75 -2.38 18.76
N LEU B 40 4.51 -3.68 18.93
CA LEU B 40 3.25 -4.15 19.46
C LEU B 40 3.40 -4.43 20.96
N LEU B 41 2.47 -3.92 21.75
CA LEU B 41 2.61 -3.97 23.20
C LEU B 41 1.51 -4.79 23.88
N LYS B 42 1.93 -5.69 24.76
CA LYS B 42 1.03 -6.44 25.62
C LYS B 42 1.27 -6.01 27.06
N ASN B 43 0.31 -5.27 27.62
CA ASN B 43 0.45 -4.74 28.97
C ASN B 43 1.65 -3.80 29.09
N GLY B 44 1.82 -2.95 28.09
CA GLY B 44 2.89 -1.96 28.09
C GLY B 44 4.26 -2.55 27.80
N GLU B 45 4.30 -3.84 27.48
CA GLU B 45 5.56 -4.52 27.23
C GLU B 45 5.71 -4.91 25.76
N LYS B 46 6.91 -4.74 25.22
CA LYS B 46 7.19 -5.12 23.84
C LYS B 46 6.94 -6.60 23.60
N MET B 47 6.13 -6.91 22.59
CA MET B 47 5.83 -8.29 22.23
C MET B 47 7.05 -8.96 21.59
N GLY B 48 7.09 -10.29 21.68
CA GLY B 48 8.25 -11.05 21.23
C GLY B 48 8.46 -11.10 19.74
N LYS B 49 7.74 -12.00 19.06
CA LYS B 49 7.94 -12.23 17.64
C LYS B 49 6.97 -11.42 16.78
N VAL B 50 7.41 -10.23 16.37
CA VAL B 50 6.57 -9.35 15.57
C VAL B 50 7.09 -9.23 14.14
N GLU B 51 6.22 -9.58 13.19
CA GLU B 51 6.58 -9.52 11.77
C GLU B 51 6.02 -8.25 11.13
N HIS B 52 6.63 -7.83 10.02
CA HIS B 52 6.14 -6.68 9.27
C HIS B 52 6.25 -6.92 7.77
N SER B 53 5.41 -6.23 7.00
CA SER B 53 5.45 -6.35 5.55
C SER B 53 6.62 -5.58 4.96
N ASP B 54 6.81 -5.70 3.65
CA ASP B 54 7.90 -5.02 2.95
C ASP B 54 7.49 -3.60 2.57
N LEU B 55 8.40 -2.66 2.75
CA LEU B 55 8.11 -1.25 2.48
C LEU B 55 7.47 -1.02 1.12
N SER B 56 6.38 -0.25 1.11
CA SER B 56 5.71 0.12 -0.12
C SER B 56 5.00 1.46 0.09
N PHE B 57 4.42 2.01 -0.98
CA PHE B 57 3.78 3.32 -0.88
C PHE B 57 2.54 3.46 -1.78
N SER B 58 1.71 4.45 -1.47
CA SER B 58 0.48 4.70 -2.20
C SER B 58 0.70 5.64 -3.37
N LYS B 59 -0.39 6.06 -4.01
CA LYS B 59 -0.31 6.92 -5.18
C LYS B 59 0.12 8.34 -4.82
N ASP B 60 -0.14 8.75 -3.58
CA ASP B 60 0.29 10.06 -3.11
C ASP B 60 1.71 10.01 -2.56
N TRP B 61 2.39 8.91 -2.85
CA TRP B 61 3.80 8.73 -2.50
C TRP B 61 4.05 8.37 -1.04
N SER B 62 3.02 8.46 -0.21
CA SER B 62 3.16 8.16 1.21
C SER B 62 3.40 6.66 1.43
N PHE B 63 4.22 6.33 2.43
CA PHE B 63 4.56 4.94 2.70
C PHE B 63 3.54 4.26 3.60
N TYR B 64 3.54 2.93 3.57
CA TYR B 64 2.70 2.14 4.46
C TYR B 64 3.34 0.81 4.80
N LEU B 65 3.02 0.30 6.00
CA LEU B 65 3.55 -0.95 6.50
C LEU B 65 2.55 -1.61 7.43
N LEU B 66 2.58 -2.93 7.47
CA LEU B 66 1.74 -3.68 8.40
C LEU B 66 2.60 -4.48 9.36
N TYR B 67 2.49 -4.18 10.65
CA TYR B 67 3.14 -5.00 11.67
C TYR B 67 2.10 -5.93 12.29
N TYR B 68 2.50 -7.13 12.66
CA TYR B 68 1.53 -8.10 13.15
C TYR B 68 2.18 -9.21 13.96
N THR B 69 1.44 -9.74 14.92
CA THR B 69 1.94 -10.85 15.71
C THR B 69 0.81 -11.78 16.13
N GLU B 70 1.17 -12.98 16.59
CA GLU B 70 0.16 -13.90 17.11
C GLU B 70 -0.19 -13.51 18.53
N PHE B 71 -1.48 -13.48 18.83
CA PHE B 71 -1.93 -13.18 20.19
C PHE B 71 -3.27 -13.83 20.48
N THR B 72 -3.49 -14.19 21.74
CA THR B 72 -4.78 -14.75 22.14
C THR B 72 -5.53 -13.77 23.03
N PRO B 73 -6.52 -13.08 22.46
CA PRO B 73 -7.31 -12.07 23.19
C PRO B 73 -8.02 -12.68 24.40
N ASN B 74 -7.77 -12.10 25.58
CA ASN B 74 -8.49 -12.50 26.79
C ASN B 74 -9.02 -11.30 27.55
N GLU B 75 -9.19 -11.43 28.86
CA GLU B 75 -9.89 -10.41 29.63
C GLU B 75 -8.96 -9.46 30.39
N LYS B 76 -7.85 -9.99 30.89
CA LYS B 76 -6.91 -9.18 31.69
C LYS B 76 -5.83 -8.49 30.86
N ASP B 77 -5.53 -9.05 29.69
CA ASP B 77 -4.46 -8.53 28.86
C ASP B 77 -4.85 -7.26 28.12
N GLU B 78 -3.93 -6.29 28.10
CA GLU B 78 -4.15 -5.02 27.44
C GLU B 78 -3.16 -4.89 26.28
N TYR B 79 -3.68 -4.57 25.10
CA TYR B 79 -2.83 -4.49 23.91
C TYR B 79 -2.83 -3.11 23.27
N ALA B 80 -1.68 -2.72 22.74
CA ALA B 80 -1.53 -1.39 22.14
C ALA B 80 -0.49 -1.41 21.03
N CYS B 81 -0.35 -0.28 20.34
CA CYS B 81 0.66 -0.14 19.29
C CYS B 81 1.43 1.17 19.46
N ARG B 82 2.74 1.05 19.57
CA ARG B 82 3.60 2.21 19.77
C ARG B 82 4.34 2.56 18.50
N VAL B 83 4.16 3.79 18.03
CA VAL B 83 4.78 4.24 16.79
C VAL B 83 5.63 5.50 17.02
N ASN B 84 6.83 5.51 16.47
CA ASN B 84 7.69 6.68 16.53
C ASN B 84 8.18 7.06 15.13
N HIS B 85 8.14 8.36 14.84
CA HIS B 85 8.47 8.88 13.52
C HIS B 85 9.08 10.26 13.69
N VAL B 86 9.78 10.74 12.67
CA VAL B 86 10.44 12.05 12.75
C VAL B 86 9.43 13.19 12.91
N THR B 87 8.20 12.96 12.43
CA THR B 87 7.17 13.99 12.47
C THR B 87 6.50 14.09 13.85
N LEU B 88 6.83 13.16 14.74
CA LEU B 88 6.24 13.15 16.07
C LEU B 88 7.22 13.70 17.12
N SER B 89 6.67 14.28 18.17
CA SER B 89 7.48 14.82 19.27
C SER B 89 8.04 13.66 20.09
N GLY B 90 7.43 12.49 19.91
CA GLY B 90 7.84 11.29 20.60
C GLY B 90 6.94 10.13 20.24
N PRO B 91 7.25 8.94 20.76
CA PRO B 91 6.43 7.76 20.48
C PRO B 91 4.95 8.02 20.74
N ARG B 92 4.09 7.50 19.88
CA ARG B 92 2.65 7.63 20.02
C ARG B 92 2.04 6.26 20.23
N THR B 93 1.26 6.12 21.30
CA THR B 93 0.64 4.83 21.63
C THR B 93 -0.86 4.85 21.35
N VAL B 94 -1.30 3.89 20.55
CA VAL B 94 -2.71 3.73 20.25
C VAL B 94 -3.22 2.40 20.80
N LYS B 95 -4.12 2.46 21.77
CA LYS B 95 -4.65 1.26 22.40
C LYS B 95 -5.56 0.48 21.45
N TRP B 96 -5.52 -0.84 21.57
CA TRP B 96 -6.42 -1.69 20.79
C TRP B 96 -7.83 -1.63 21.37
N ASP B 97 -8.77 -1.13 20.56
CA ASP B 97 -10.16 -1.03 20.96
C ASP B 97 -11.00 -1.98 20.11
N ARG B 98 -11.67 -2.93 20.76
CA ARG B 98 -12.41 -3.96 20.04
C ARG B 98 -13.59 -3.41 19.25
N ASP B 99 -13.86 -2.12 19.39
CA ASP B 99 -14.98 -1.50 18.70
C ASP B 99 -14.53 -0.72 17.47
N MET B 100 -13.26 -0.87 17.11
CA MET B 100 -12.69 -0.17 15.95
C MET B 100 -11.70 -1.03 15.18
N GLN C 1 7.87 -9.80 -14.25
CA GLN C 1 9.27 -9.46 -14.04
C GLN C 1 9.50 -7.97 -14.28
N THR C 2 10.52 -7.41 -13.63
CA THR C 2 10.79 -5.99 -13.73
C THR C 2 11.21 -5.59 -15.15
N SER C 3 11.28 -4.29 -15.40
CA SER C 3 11.65 -3.79 -16.71
C SER C 3 13.16 -3.74 -16.91
N GLN C 4 13.58 -3.98 -18.14
CA GLN C 4 14.98 -3.96 -18.51
C GLN C 4 15.50 -2.52 -18.54
N TRP C 5 14.59 -1.58 -18.74
CA TRP C 5 14.97 -0.19 -18.96
C TRP C 5 14.71 0.72 -17.76
N ASP C 6 15.73 1.47 -17.37
CA ASP C 6 15.64 2.40 -16.26
C ASP C 6 16.66 3.51 -16.46
N ASP C 7 16.33 4.47 -17.33
CA ASP C 7 17.25 5.55 -17.67
C ASP C 7 17.55 6.47 -16.49
N PRO C 8 18.80 6.94 -16.42
CA PRO C 8 19.28 7.86 -15.37
C PRO C 8 18.54 9.19 -15.40
N TRP C 9 18.52 9.88 -14.27
CA TRP C 9 17.93 11.22 -14.19
C TRP C 9 18.85 12.26 -14.82
#